data_4QUU
#
_entry.id   4QUU
#
_cell.length_a   79.201
_cell.length_b   79.201
_cell.length_c   139.141
_cell.angle_alpha   90.00
_cell.angle_beta   90.00
_cell.angle_gamma   120.00
#
_symmetry.space_group_name_H-M   'P 65 2 2'
#
loop_
_entity.id
_entity.type
_entity.pdbx_description
1 polymer 'ATPase family AAA domain-containing protein 2'
2 polymer 'Histone H4'
3 non-polymer 'SULFATE ION'
4 non-polymer 1,2-ETHANEDIOL
5 water water
#
loop_
_entity_poly.entity_id
_entity_poly.type
_entity_poly.pdbx_seq_one_letter_code
_entity_poly.pdbx_strand_id
1 'polypeptide(L)'
;SMQEEDTFRELRIFLRNVTHRLAIDKRFRVFTKPVDPDEVPDYVTVIKQPMDLSSVISKIDLHKYLTVKDYLRDIDLICS
NALEYNPDRDPGDRLIRHRACALRDTAYAIIKEELDEDFEQLCEEIQESR
;
A
2 'polypeptide(L)' RG(ALY)GG(ALY)GLG(ALY)GGAY B
#
# COMPACT_ATOMS: atom_id res chain seq x y z
N SER A 1 26.01 4.13 7.03
CA SER A 1 26.82 5.21 6.42
C SER A 1 25.93 6.27 5.75
N MET A 2 26.54 7.41 5.42
CA MET A 2 25.85 8.44 4.66
C MET A 2 25.36 7.93 3.32
N GLN A 3 26.15 7.07 2.66
CA GLN A 3 25.71 6.49 1.39
C GLN A 3 24.49 5.59 1.54
N GLU A 4 24.39 4.88 2.66
CA GLU A 4 23.20 4.04 2.86
C GLU A 4 22.01 4.93 3.14
N GLU A 5 22.22 6.00 3.86
CA GLU A 5 21.09 6.93 4.13
C GLU A 5 20.59 7.59 2.82
N ASP A 6 21.51 7.92 1.92
CA ASP A 6 21.16 8.41 0.59
C ASP A 6 20.29 7.38 -0.14
N THR A 7 20.71 6.09 -0.09
CA THR A 7 19.91 5.01 -0.66
C THR A 7 18.46 5.01 -0.16
N PHE A 8 18.29 4.95 1.15
CA PHE A 8 16.96 4.93 1.74
C PHE A 8 16.19 6.21 1.43
N ARG A 9 16.85 7.38 1.35
CA ARG A 9 16.14 8.59 0.97
CA ARG A 9 16.15 8.60 0.98
CA ARG A 9 16.18 8.64 0.93
C ARG A 9 15.60 8.49 -0.46
N GLU A 10 16.41 7.95 -1.39
CA GLU A 10 15.95 7.68 -2.74
C GLU A 10 14.74 6.71 -2.73
N LEU A 11 14.82 5.65 -1.93
CA LEU A 11 13.69 4.73 -1.79
C LEU A 11 12.43 5.48 -1.37
N ARG A 12 12.54 6.34 -0.36
CA ARG A 12 11.37 7.05 0.09
C ARG A 12 10.76 7.94 -0.98
N ILE A 13 11.61 8.61 -1.75
CA ILE A 13 11.16 9.45 -2.85
C ILE A 13 10.40 8.61 -3.87
N PHE A 14 11.00 7.51 -4.24
CA PHE A 14 10.37 6.58 -5.18
C PHE A 14 9.01 6.11 -4.65
N LEU A 15 8.95 5.69 -3.38
CA LEU A 15 7.71 5.19 -2.79
C LEU A 15 6.61 6.27 -2.67
N ARG A 16 6.98 7.50 -2.35
CA ARG A 16 6.01 8.58 -2.32
C ARG A 16 5.41 8.83 -3.69
N ASN A 17 6.26 8.78 -4.70
CA ASN A 17 5.77 9.05 -6.06
C ASN A 17 4.80 7.95 -6.49
N VAL A 18 5.15 6.68 -6.26
CA VAL A 18 4.26 5.56 -6.60
C VAL A 18 2.93 5.72 -5.84
N THR A 19 3.01 6.00 -4.57
CA THR A 19 1.80 6.12 -3.73
C THR A 19 0.91 7.28 -4.16
N HIS A 20 1.51 8.42 -4.49
CA HIS A 20 0.77 9.60 -5.02
C HIS A 20 -0.01 9.24 -6.31
N ARG A 21 0.64 8.49 -7.20
CA ARG A 21 0.01 8.11 -8.43
C ARG A 21 -1.18 7.19 -8.21
N LEU A 22 -1.09 6.33 -7.22
CA LEU A 22 -2.21 5.46 -6.83
C LEU A 22 -3.33 6.32 -6.20
N ALA A 23 -2.93 7.28 -5.34
CA ALA A 23 -3.86 8.05 -4.54
C ALA A 23 -4.68 9.00 -5.37
N ILE A 24 -4.20 9.43 -6.50
CA ILE A 24 -4.92 10.35 -7.36
C ILE A 24 -5.82 9.62 -8.37
N ASP A 25 -5.73 8.30 -8.47
CA ASP A 25 -6.55 7.53 -9.39
C ASP A 25 -7.94 7.44 -8.78
N LYS A 26 -8.94 7.88 -9.52
CA LYS A 26 -10.33 7.92 -9.03
CA LYS A 26 -10.31 7.92 -9.00
C LYS A 26 -10.84 6.57 -8.53
N ARG A 27 -10.38 5.49 -9.15
CA ARG A 27 -10.81 4.17 -8.72
C ARG A 27 -10.42 3.85 -7.28
N PHE A 28 -9.33 4.44 -6.81
CA PHE A 28 -8.73 4.06 -5.54
C PHE A 28 -9.07 5.03 -4.40
N ARG A 29 -10.06 5.88 -4.61
CA ARG A 29 -10.46 6.83 -3.57
C ARG A 29 -10.83 6.19 -2.25
N VAL A 30 -11.48 5.04 -2.30
CA VAL A 30 -11.89 4.37 -1.10
C VAL A 30 -10.69 3.87 -0.27
N PHE A 31 -9.53 3.77 -0.87
CA PHE A 31 -8.31 3.33 -0.18
C PHE A 31 -7.40 4.50 0.25
N THR A 32 -7.83 5.75 0.04
CA THR A 32 -6.97 6.90 0.31
C THR A 32 -6.95 7.33 1.77
N LYS A 33 -7.96 6.94 2.53
CA LYS A 33 -8.05 7.30 3.94
C LYS A 33 -8.39 6.04 4.75
N PRO A 34 -8.06 6.03 6.03
CA PRO A 34 -8.52 4.92 6.85
C PRO A 34 -10.04 4.80 6.84
N VAL A 35 -10.51 3.56 6.96
CA VAL A 35 -11.90 3.33 7.16
C VAL A 35 -12.27 3.95 8.51
N ASP A 36 -13.32 4.76 8.51
CA ASP A 36 -13.64 5.59 9.68
C ASP A 36 -14.41 4.73 10.70
N PRO A 37 -13.82 4.50 11.89
CA PRO A 37 -14.53 3.63 12.85
C PRO A 37 -15.80 4.25 13.34
N ASP A 38 -15.89 5.58 13.31
CA ASP A 38 -17.16 6.24 13.62
C ASP A 38 -18.24 5.83 12.60
N GLU A 39 -17.86 5.66 11.32
CA GLU A 39 -18.87 5.29 10.30
C GLU A 39 -19.02 3.79 10.13
N VAL A 40 -17.93 3.02 10.32
CA VAL A 40 -17.98 1.57 10.16
C VAL A 40 -17.43 0.91 11.44
N PRO A 41 -18.20 0.96 12.55
CA PRO A 41 -17.71 0.38 13.82
C PRO A 41 -17.45 -1.13 13.75
N ASP A 42 -18.07 -1.80 12.80
CA ASP A 42 -17.80 -3.25 12.60
C ASP A 42 -16.42 -3.59 12.05
N TYR A 43 -15.78 -2.64 11.38
CA TYR A 43 -14.59 -2.94 10.61
C TYR A 43 -13.47 -3.62 11.43
N VAL A 44 -13.14 -3.04 12.58
CA VAL A 44 -12.08 -3.60 13.48
C VAL A 44 -12.36 -5.03 14.04
N THR A 45 -13.60 -5.44 14.01
CA THR A 45 -13.94 -6.80 14.52
C THR A 45 -13.50 -7.82 13.46
N VAL A 46 -13.33 -7.34 12.24
CA VAL A 46 -12.94 -8.22 11.17
C VAL A 46 -11.53 -7.98 10.77
N ILE A 47 -11.16 -6.72 10.52
CA ILE A 47 -9.88 -6.40 10.00
C ILE A 47 -8.94 -5.94 11.12
N LYS A 48 -7.90 -6.75 11.35
CA LYS A 48 -7.01 -6.56 12.49
C LYS A 48 -5.81 -5.68 12.20
N GLN A 49 -5.45 -5.50 10.93
CA GLN A 49 -4.40 -4.60 10.51
C GLN A 49 -4.86 -3.63 9.40
N PRO A 50 -5.62 -2.60 9.74
CA PRO A 50 -6.11 -1.64 8.73
C PRO A 50 -4.92 -1.00 8.03
N MET A 51 -5.05 -0.73 6.75
CA MET A 51 -4.02 -0.05 6.01
C MET A 51 -4.70 0.72 4.89
N ASP A 52 -4.12 1.85 4.54
CA ASP A 52 -4.64 2.72 3.50
C ASP A 52 -3.51 3.56 2.97
N LEU A 53 -3.75 4.24 1.86
CA LEU A 53 -2.67 4.99 1.22
C LEU A 53 -2.14 6.19 2.07
N SER A 54 -2.97 6.79 2.92
CA SER A 54 -2.48 7.89 3.75
CA SER A 54 -2.50 7.88 3.76
CA SER A 54 -2.50 7.89 3.78
C SER A 54 -1.54 7.33 4.80
N SER A 55 -1.89 6.18 5.33
CA SER A 55 -1.08 5.54 6.35
CA SER A 55 -1.09 5.51 6.35
C SER A 55 0.23 5.05 5.74
N VAL A 56 0.18 4.61 4.48
CA VAL A 56 1.41 4.26 3.75
C VAL A 56 2.35 5.46 3.63
N ILE A 57 1.83 6.63 3.28
CA ILE A 57 2.64 7.85 3.19
C ILE A 57 3.25 8.17 4.56
N SER A 58 2.44 8.05 5.61
CA SER A 58 2.93 8.31 6.98
CA SER A 58 2.92 8.29 6.98
C SER A 58 4.09 7.33 7.31
N LYS A 59 3.94 6.07 6.95
CA LYS A 59 4.99 5.10 7.17
C LYS A 59 6.27 5.36 6.37
N ILE A 60 6.12 5.81 5.14
CA ILE A 60 7.31 6.17 4.36
C ILE A 60 8.08 7.27 5.09
N ASP A 61 7.35 8.28 5.53
CA ASP A 61 7.95 9.45 6.18
C ASP A 61 8.55 9.11 7.51
N LEU A 62 8.01 8.09 8.19
CA LEU A 62 8.57 7.57 9.43
C LEU A 62 9.75 6.60 9.22
N HIS A 63 10.18 6.43 8.00
CA HIS A 63 11.29 5.55 7.66
C HIS A 63 10.99 4.10 7.99
N LYS A 64 9.74 3.70 7.87
CA LYS A 64 9.39 2.36 8.21
C LYS A 64 9.67 1.35 7.07
N TYR A 65 9.79 1.82 5.84
CA TYR A 65 10.04 0.93 4.72
C TYR A 65 11.51 1.04 4.34
N LEU A 66 12.28 -0.03 4.52
CA LEU A 66 13.66 0.00 4.08
C LEU A 66 13.84 -0.73 2.72
N THR A 67 12.76 -1.37 2.24
CA THR A 67 12.79 -2.04 0.96
C THR A 67 11.44 -1.90 0.27
N VAL A 68 11.45 -2.13 -1.04
CA VAL A 68 10.18 -2.11 -1.77
C VAL A 68 9.35 -3.33 -1.41
N LYS A 69 9.99 -4.45 -1.08
CA LYS A 69 9.24 -5.64 -0.64
CA LYS A 69 9.29 -5.66 -0.64
C LYS A 69 8.41 -5.34 0.59
N ASP A 70 8.96 -4.57 1.53
CA ASP A 70 8.16 -4.17 2.68
C ASP A 70 7.00 -3.21 2.40
N TYR A 71 7.21 -2.27 1.49
CA TYR A 71 6.13 -1.45 0.98
C TYR A 71 5.01 -2.28 0.32
N LEU A 72 5.42 -3.21 -0.52
CA LEU A 72 4.46 -4.05 -1.22
C LEU A 72 3.67 -4.93 -0.26
N ARG A 73 4.23 -5.28 0.90
CA ARG A 73 3.45 -6.04 1.87
CA ARG A 73 3.48 -6.03 1.91
C ARG A 73 2.29 -5.21 2.40
N ASP A 74 2.48 -3.91 2.53
CA ASP A 74 1.39 -3.04 2.93
C ASP A 74 0.36 -2.75 1.80
N ILE A 75 0.80 -2.66 0.56
CA ILE A 75 -0.14 -2.59 -0.59
C ILE A 75 -0.95 -3.88 -0.64
N ASP A 76 -0.27 -5.01 -0.47
CA ASP A 76 -0.93 -6.34 -0.40
C ASP A 76 -1.96 -6.38 0.69
N LEU A 77 -1.68 -5.72 1.84
CA LEU A 77 -2.57 -5.63 2.95
C LEU A 77 -3.83 -4.78 2.67
N ILE A 78 -3.67 -3.67 1.98
CA ILE A 78 -4.84 -2.86 1.60
C ILE A 78 -5.77 -3.73 0.75
N CYS A 79 -5.17 -4.46 -0.17
CA CYS A 79 -5.94 -5.35 -1.05
C CYS A 79 -6.58 -6.52 -0.32
N SER A 80 -5.79 -7.31 0.44
CA SER A 80 -6.32 -8.43 1.17
C SER A 80 -7.41 -8.01 2.19
N ASN A 81 -7.26 -6.84 2.82
CA ASN A 81 -8.25 -6.39 3.77
C ASN A 81 -9.61 -6.16 3.03
N ALA A 82 -9.52 -5.53 1.85
CA ALA A 82 -10.78 -5.22 1.10
C ALA A 82 -11.47 -6.54 0.68
N LEU A 83 -10.67 -7.53 0.27
CA LEU A 83 -11.23 -8.82 -0.16
C LEU A 83 -11.86 -9.56 0.99
N GLU A 84 -11.25 -9.43 2.18
CA GLU A 84 -11.72 -10.07 3.40
CA GLU A 84 -11.74 -10.08 3.37
C GLU A 84 -12.95 -9.37 4.01
N TYR A 85 -12.97 -8.02 4.00
CA TYR A 85 -14.06 -7.29 4.60
C TYR A 85 -15.30 -7.23 3.68
N ASN A 86 -15.10 -7.38 2.37
CA ASN A 86 -16.19 -7.20 1.38
C ASN A 86 -16.28 -8.43 0.43
N PRO A 87 -16.52 -9.65 0.96
CA PRO A 87 -16.41 -10.86 0.10
C PRO A 87 -17.67 -11.23 -0.69
N ASP A 88 -18.79 -10.63 -0.39
CA ASP A 88 -20.12 -11.14 -0.90
C ASP A 88 -20.31 -10.86 -2.38
N ARG A 89 -21.33 -11.47 -2.96
CA ARG A 89 -21.49 -11.35 -4.44
CA ARG A 89 -21.59 -11.40 -4.41
C ARG A 89 -22.21 -10.09 -4.87
N ASP A 90 -22.72 -9.31 -3.92
CA ASP A 90 -23.46 -8.08 -4.29
C ASP A 90 -22.51 -7.17 -5.06
N PRO A 91 -23.04 -6.39 -6.00
CA PRO A 91 -22.21 -5.56 -6.83
C PRO A 91 -21.35 -4.52 -6.12
N GLY A 92 -21.81 -3.97 -5.02
CA GLY A 92 -20.98 -2.98 -4.30
C GLY A 92 -19.69 -3.60 -3.78
N ASP A 93 -19.80 -4.82 -3.26
CA ASP A 93 -18.65 -5.52 -2.77
C ASP A 93 -17.75 -6.01 -3.94
N ARG A 94 -18.35 -6.52 -5.03
CA ARG A 94 -17.57 -6.89 -6.18
C ARG A 94 -16.76 -5.72 -6.73
N LEU A 95 -17.35 -4.52 -6.70
CA LEU A 95 -16.72 -3.36 -7.24
C LEU A 95 -15.50 -3.00 -6.35
N ILE A 96 -15.68 -2.96 -5.06
CA ILE A 96 -14.55 -2.70 -4.13
CA ILE A 96 -14.52 -2.67 -4.19
C ILE A 96 -13.44 -3.74 -4.33
N ARG A 97 -13.83 -4.99 -4.48
CA ARG A 97 -12.81 -6.03 -4.68
C ARG A 97 -12.05 -5.82 -5.97
N HIS A 98 -12.77 -5.49 -7.05
CA HIS A 98 -12.12 -5.26 -8.32
C HIS A 98 -11.15 -4.12 -8.24
N ARG A 99 -11.54 -3.06 -7.55
CA ARG A 99 -10.71 -1.92 -7.37
C ARG A 99 -9.49 -2.22 -6.50
N ALA A 100 -9.69 -2.96 -5.42
CA ALA A 100 -8.56 -3.45 -4.57
C ALA A 100 -7.51 -4.23 -5.41
N CYS A 101 -7.97 -5.14 -6.25
CA CYS A 101 -7.11 -5.91 -7.11
C CYS A 101 -6.44 -5.03 -8.15
N ALA A 102 -7.14 -4.02 -8.65
CA ALA A 102 -6.54 -3.08 -9.56
C ALA A 102 -5.42 -2.23 -8.90
N LEU A 103 -5.65 -1.82 -7.67
CA LEU A 103 -4.68 -1.06 -6.90
C LEU A 103 -3.39 -1.90 -6.77
N ARG A 104 -3.54 -3.13 -6.34
CA ARG A 104 -2.41 -4.07 -6.20
CA ARG A 104 -2.42 -4.04 -6.19
C ARG A 104 -1.67 -4.28 -7.50
N ASP A 105 -2.41 -4.64 -8.56
CA ASP A 105 -1.82 -4.85 -9.87
C ASP A 105 -1.14 -3.62 -10.41
N THR A 106 -1.72 -2.42 -10.17
CA THR A 106 -1.15 -1.22 -10.68
C THR A 106 0.18 -0.92 -9.96
N ALA A 107 0.17 -1.08 -8.64
CA ALA A 107 1.39 -0.85 -7.84
C ALA A 107 2.49 -1.80 -8.29
N TYR A 108 2.17 -3.08 -8.45
CA TYR A 108 3.14 -4.05 -8.95
C TYR A 108 3.65 -3.72 -10.37
N ALA A 109 2.78 -3.26 -11.26
CA ALA A 109 3.17 -2.93 -12.64
C ALA A 109 4.09 -1.69 -12.66
N ILE A 110 3.75 -0.68 -11.86
CA ILE A 110 4.59 0.50 -11.82
C ILE A 110 5.97 0.11 -11.34
N ILE A 111 6.01 -0.67 -10.28
CA ILE A 111 7.28 -1.16 -9.70
C ILE A 111 8.08 -2.04 -10.69
N LYS A 112 7.39 -2.90 -11.43
CA LYS A 112 8.07 -3.69 -12.44
C LYS A 112 8.76 -2.83 -13.50
N GLU A 113 8.11 -1.77 -13.94
CA GLU A 113 8.64 -0.91 -14.95
C GLU A 113 9.69 0.08 -14.47
N GLU A 114 9.61 0.48 -13.19
CA GLU A 114 10.36 1.65 -12.71
C GLU A 114 11.36 1.40 -11.57
N LEU A 115 11.26 0.30 -10.89
CA LEU A 115 12.22 -0.06 -9.83
C LEU A 115 13.38 -0.83 -10.44
N ASP A 116 14.58 -0.31 -10.29
CA ASP A 116 15.77 -1.07 -10.68
C ASP A 116 16.03 -2.21 -9.70
N GLU A 117 16.13 -3.42 -10.23
CA GLU A 117 16.26 -4.62 -9.40
CA GLU A 117 16.26 -4.61 -9.38
C GLU A 117 17.54 -4.56 -8.52
N ASP A 118 18.58 -3.90 -9.02
CA ASP A 118 19.83 -3.77 -8.24
C ASP A 118 19.71 -2.75 -7.12
N PHE A 119 18.86 -1.77 -7.32
CA PHE A 119 18.54 -0.80 -6.30
C PHE A 119 17.80 -1.51 -5.14
N GLU A 120 16.78 -2.31 -5.47
CA GLU A 120 16.09 -3.07 -4.48
C GLU A 120 17.05 -4.05 -3.75
N GLN A 121 17.91 -4.75 -4.49
CA GLN A 121 18.83 -5.66 -3.88
C GLN A 121 19.73 -4.97 -2.89
N LEU A 122 20.18 -3.78 -3.24
CA LEU A 122 21.02 -2.97 -2.33
C LEU A 122 20.26 -2.64 -1.03
N CYS A 123 19.02 -2.19 -1.18
CA CYS A 123 18.18 -1.90 -0.03
C CYS A 123 18.05 -3.14 0.87
N GLU A 124 17.83 -4.30 0.26
CA GLU A 124 17.63 -5.50 1.02
C GLU A 124 18.88 -5.90 1.78
N GLU A 125 20.02 -5.71 1.13
CA GLU A 125 21.30 -6.04 1.75
C GLU A 125 21.67 -5.12 2.91
N ILE A 126 21.34 -3.82 2.80
CA ILE A 126 21.55 -2.90 3.87
C ILE A 126 20.63 -3.29 5.03
N GLN A 127 19.34 -3.52 4.75
CA GLN A 127 18.36 -3.89 5.81
C GLN A 127 18.86 -5.15 6.54
N GLU A 128 19.35 -6.13 5.77
CA GLU A 128 19.81 -7.41 6.38
C GLU A 128 21.05 -7.26 7.25
N SER A 129 21.84 -6.22 7.00
CA SER A 129 23.07 -5.94 7.76
C SER A 129 22.79 -5.20 9.07
N ARG A 130 21.57 -4.76 9.28
CA ARG A 130 21.20 -4.03 10.50
C ARG A 130 20.47 -4.94 11.51
N ARG B 1 -20.32 -6.90 8.26
CA ARG B 1 -19.21 -7.08 7.31
C ARG B 1 -19.74 -6.70 5.90
N GLY B 2 -18.93 -6.02 5.13
CA GLY B 2 -19.33 -5.58 3.79
C GLY B 2 -19.84 -4.14 3.81
N GLY B 4 -20.87 -2.62 0.70
CA GLY B 4 -21.65 -2.41 -0.53
C GLY B 4 -23.13 -2.51 -0.28
N GLY B 5 -23.89 -1.67 -0.97
CA GLY B 5 -25.35 -1.68 -0.80
C GLY B 5 -25.80 -1.38 0.62
#